data_3A4O
#
_entry.id   3A4O
#
_cell.length_a   128.382
_cell.length_b   128.382
_cell.length_c   54.875
_cell.angle_alpha   90.00
_cell.angle_beta   90.00
_cell.angle_gamma   120.00
#
_symmetry.space_group_name_H-M   'H 3'
#
loop_
_entity.id
_entity.type
_entity.pdbx_description
1 polymer 'Tyrosine-protein kinase Lyn'
2 non-polymer STAUROSPORINE
#
_entity_poly.entity_id   1
_entity_poly.type   'polypeptide(L)'
_entity_poly.pdbx_seq_one_letter_code
;KPWDKDAWEIPRESIKLVKRLGAGQFGEVWMGYYNNSTKVAVKTLKPGTMSVQAFLEEANLMKTLQHDKLVRLYAVVTRE
EPIYIITEYMAKGSLLDFLKSDEGGKVLLPKLIDFSAQIAEGMAYIERKNYIHRDLRAANVLVSESLMCKIADFGLARVI
EDNEYTAREGAKFPIKWTAPEAINFGCFTIKSDVWSFGILLYEIVTYGKIPYPGRTNADVMTALSQGYRMPRVENCPDEL
YDIMKMCWKEKAEERPTFDYLQSVLDDFYTATEGQYQQQPHHHHHH
;
_entity_poly.pdbx_strand_id   X
#
loop_
_chem_comp.id
_chem_comp.type
_chem_comp.name
_chem_comp.formula
STU non-polymer STAUROSPORINE 'C28 H26 N4 O3'
#
# COMPACT_ATOMS: atom_id res chain seq x y z
N ASP A 6 -27.43 0.64 -8.16
CA ASP A 6 -26.52 1.68 -8.72
C ASP A 6 -26.14 2.70 -7.64
N ALA A 7 -26.54 2.44 -6.40
CA ALA A 7 -26.26 3.34 -5.30
C ALA A 7 -25.04 4.20 -5.62
N TRP A 8 -23.88 3.55 -5.74
CA TRP A 8 -22.63 4.22 -6.05
C TRP A 8 -22.55 4.64 -7.52
N GLU A 9 -23.64 5.17 -8.05
CA GLU A 9 -23.65 5.59 -9.45
C GLU A 9 -23.57 7.08 -9.66
N ILE A 10 -22.87 7.48 -10.71
CA ILE A 10 -22.70 8.88 -11.07
C ILE A 10 -22.69 8.97 -12.60
N PRO A 11 -23.36 9.98 -13.15
CA PRO A 11 -23.47 10.21 -14.59
C PRO A 11 -22.16 10.76 -15.17
N ARG A 12 -21.99 10.64 -16.47
CA ARG A 12 -20.78 11.14 -17.10
C ARG A 12 -20.90 12.67 -17.17
N GLU A 13 -20.04 13.30 -17.97
CA GLU A 13 -20.04 14.76 -18.13
C GLU A 13 -19.73 15.48 -16.82
N SER A 14 -19.96 14.79 -15.71
CA SER A 14 -19.70 15.34 -14.37
C SER A 14 -18.22 15.03 -14.07
N ILE A 15 -17.63 14.17 -14.89
CA ILE A 15 -16.24 13.81 -14.72
C ILE A 15 -15.46 14.46 -15.86
N LYS A 16 -14.53 15.34 -15.50
CA LYS A 16 -13.71 16.03 -16.48
C LYS A 16 -12.25 15.67 -16.22
N LEU A 17 -11.67 14.87 -17.11
CA LEU A 17 -10.29 14.44 -16.99
C LEU A 17 -9.31 15.55 -17.33
N VAL A 18 -8.28 15.69 -16.50
CA VAL A 18 -7.27 16.72 -16.71
C VAL A 18 -5.86 16.12 -16.77
N LYS A 19 -5.26 15.96 -15.59
CA LYS A 19 -3.90 15.41 -15.47
C LYS A 19 -3.92 13.91 -15.70
N ARG A 20 -2.80 13.38 -16.19
CA ARG A 20 -2.68 11.96 -16.46
C ARG A 20 -2.18 11.09 -15.30
N LEU A 21 -1.55 11.70 -14.30
CA LEU A 21 -1.04 10.94 -13.16
C LEU A 21 -0.25 9.74 -13.66
N GLY A 22 -0.63 8.54 -13.19
CA GLY A 22 0.07 7.33 -13.61
C GLY A 22 -0.82 6.27 -14.24
N ALA A 23 -0.22 5.23 -14.79
CA ALA A 23 -0.96 4.14 -15.42
C ALA A 23 -0.29 2.79 -15.25
N GLY A 24 -0.95 1.74 -15.74
CA GLY A 24 -0.42 0.39 -15.63
C GLY A 24 -0.82 -0.53 -16.78
N GLN A 25 -0.91 -1.82 -16.50
CA GLN A 25 -1.28 -2.83 -17.49
C GLN A 25 -2.77 -3.17 -17.41
N PHE A 26 -3.55 -2.25 -16.86
CA PHE A 26 -4.98 -2.48 -16.74
C PHE A 26 -5.75 -1.16 -16.75
N GLY A 27 -5.11 -0.11 -17.27
CA GLY A 27 -5.73 1.21 -17.33
C GLY A 27 -4.83 2.29 -16.76
N GLU A 28 -5.38 3.48 -16.52
CA GLU A 28 -4.58 4.58 -15.97
C GLU A 28 -5.31 5.35 -14.87
N VAL A 29 -4.66 6.40 -14.37
CA VAL A 29 -5.26 7.21 -13.31
C VAL A 29 -5.20 8.68 -13.72
N TRP A 30 -6.35 9.34 -13.80
CA TRP A 30 -6.40 10.74 -14.18
C TRP A 30 -6.74 11.62 -12.99
N MET A 31 -6.47 12.92 -13.12
CA MET A 31 -6.72 13.92 -12.08
C MET A 31 -8.02 14.75 -12.20
N GLY A 32 -8.97 14.27 -13.00
CA GLY A 32 -10.24 14.97 -13.21
C GLY A 32 -10.92 15.90 -12.19
N TYR A 33 -12.22 16.13 -12.44
CA TYR A 33 -13.08 16.99 -11.60
C TYR A 33 -14.46 16.38 -11.45
N TYR A 34 -15.13 16.70 -10.35
CA TYR A 34 -16.47 16.18 -10.08
C TYR A 34 -17.45 17.35 -10.22
N ASN A 35 -18.23 17.37 -11.30
CA ASN A 35 -19.18 18.46 -11.53
C ASN A 35 -18.35 19.76 -11.32
N ASN A 36 -17.03 19.75 -11.68
CA ASN A 36 -16.04 20.87 -11.53
C ASN A 36 -15.83 20.96 -10.01
N SER A 37 -15.14 22.00 -9.57
CA SER A 37 -14.89 22.19 -8.15
C SER A 37 -14.28 21.07 -7.29
N THR A 38 -14.03 19.88 -7.84
CA THR A 38 -13.46 18.84 -6.98
C THR A 38 -12.36 17.98 -7.58
N LYS A 39 -11.13 18.17 -7.08
CA LYS A 39 -9.98 17.41 -7.55
C LYS A 39 -10.29 15.93 -7.31
N VAL A 40 -10.26 15.14 -8.38
CA VAL A 40 -10.54 13.72 -8.24
C VAL A 40 -9.71 12.84 -9.18
N ALA A 41 -9.35 11.66 -8.71
CA ALA A 41 -8.57 10.75 -9.51
C ALA A 41 -9.56 9.72 -10.02
N VAL A 42 -9.41 9.31 -11.28
CA VAL A 42 -10.30 8.32 -11.87
C VAL A 42 -9.49 7.20 -12.54
N LYS A 43 -9.77 5.96 -12.14
CA LYS A 43 -9.09 4.78 -12.67
C LYS A 43 -9.73 4.43 -14.02
N THR A 44 -8.91 4.38 -15.06
CA THR A 44 -9.35 4.07 -16.42
C THR A 44 -9.81 2.64 -16.72
N LEU A 45 -8.85 1.76 -17.01
CA LEU A 45 -9.15 0.37 -17.33
C LEU A 45 -9.42 0.31 -18.82
N LYS A 46 -8.41 -0.11 -19.58
CA LYS A 46 -8.54 -0.22 -21.04
C LYS A 46 -8.94 -1.63 -21.47
N PRO A 47 -10.06 -1.74 -22.20
CA PRO A 47 -10.63 -2.99 -22.71
C PRO A 47 -9.64 -4.06 -23.17
N GLY A 48 -10.02 -5.32 -22.96
CA GLY A 48 -9.17 -6.43 -23.35
C GLY A 48 -7.91 -6.59 -22.55
N THR A 49 -7.84 -5.81 -21.52
CA THR A 49 -6.67 -5.84 -20.67
C THR A 49 -7.04 -6.62 -19.38
N MET A 50 -8.12 -6.21 -18.68
CA MET A 50 -8.64 -6.85 -17.44
C MET A 50 -9.99 -7.45 -17.80
N SER A 51 -11.01 -6.71 -17.39
CA SER A 51 -12.37 -7.10 -17.67
C SER A 51 -13.34 -5.92 -17.64
N VAL A 52 -14.29 -6.04 -16.63
CA VAL A 52 -15.36 -5.05 -16.36
C VAL A 52 -16.10 -5.45 -15.10
N GLN A 53 -15.64 -6.53 -14.50
CA GLN A 53 -16.23 -7.06 -13.28
C GLN A 53 -15.14 -7.14 -12.24
N ALA A 54 -13.90 -7.23 -12.72
CA ALA A 54 -12.71 -7.32 -11.87
C ALA A 54 -12.31 -5.90 -11.52
N PHE A 55 -12.51 -5.00 -12.47
CA PHE A 55 -12.17 -3.59 -12.27
C PHE A 55 -13.30 -3.08 -11.39
N LEU A 56 -14.47 -3.71 -11.54
CA LEU A 56 -15.64 -3.36 -10.78
C LEU A 56 -15.73 -4.37 -9.64
N GLU A 57 -14.63 -5.09 -9.45
CA GLU A 57 -14.51 -6.12 -8.42
C GLU A 57 -13.79 -5.55 -7.21
N GLU A 58 -12.64 -4.94 -7.48
CA GLU A 58 -11.85 -4.34 -6.43
C GLU A 58 -12.52 -3.04 -5.99
N ALA A 59 -13.54 -2.64 -6.76
CA ALA A 59 -14.29 -1.43 -6.47
C ALA A 59 -15.33 -1.70 -5.39
N ASN A 60 -15.56 -2.98 -5.10
CA ASN A 60 -16.54 -3.35 -4.08
C ASN A 60 -15.81 -3.57 -2.75
N LEU A 61 -14.54 -3.95 -2.84
CA LEU A 61 -13.77 -4.18 -1.63
C LEU A 61 -13.84 -2.92 -0.79
N MET A 62 -13.30 -1.82 -1.31
CA MET A 62 -13.32 -0.57 -0.56
C MET A 62 -14.73 -0.01 -0.52
N LYS A 63 -15.57 -0.56 -1.40
CA LYS A 63 -16.97 -0.14 -1.49
C LYS A 63 -17.61 -0.62 -0.19
N THR A 64 -16.80 -1.29 0.63
CA THR A 64 -17.24 -1.82 1.91
C THR A 64 -16.14 -1.85 2.99
N LEU A 65 -14.97 -1.31 2.68
CA LEU A 65 -13.87 -1.29 3.64
C LEU A 65 -13.98 0.01 4.44
N GLN A 66 -13.69 1.12 3.79
CA GLN A 66 -13.76 2.45 4.39
C GLN A 66 -13.19 2.63 5.81
N HIS A 67 -12.10 3.39 5.88
CA HIS A 67 -11.39 3.70 7.12
C HIS A 67 -10.57 4.96 6.81
N ASP A 68 -10.18 5.69 7.85
CA ASP A 68 -9.40 6.90 7.67
C ASP A 68 -7.97 6.70 7.19
N LYS A 69 -7.55 5.43 7.06
CA LYS A 69 -6.19 5.14 6.61
C LYS A 69 -6.17 4.38 5.28
N LEU A 70 -7.32 4.38 4.59
CA LEU A 70 -7.43 3.69 3.32
C LEU A 70 -8.11 4.59 2.32
N VAL A 71 -7.38 4.95 1.25
CA VAL A 71 -7.92 5.80 0.20
C VAL A 71 -9.32 5.27 -0.05
N ARG A 72 -10.32 5.95 0.49
CA ARG A 72 -11.68 5.50 0.31
C ARG A 72 -12.32 5.88 -1.02
N LEU A 73 -13.18 4.96 -1.49
CA LEU A 73 -13.93 5.07 -2.73
C LEU A 73 -14.52 6.45 -2.94
N TYR A 74 -15.81 6.48 -3.26
CA TYR A 74 -16.60 7.70 -3.52
C TYR A 74 -17.77 7.30 -4.38
N ALA A 75 -17.46 7.03 -5.65
CA ALA A 75 -18.46 6.63 -6.62
C ALA A 75 -17.81 5.91 -7.81
N VAL A 76 -18.65 5.29 -8.63
CA VAL A 76 -18.15 4.57 -9.81
C VAL A 76 -18.89 5.10 -11.03
N VAL A 77 -18.28 4.89 -12.20
CA VAL A 77 -18.83 5.33 -13.48
C VAL A 77 -18.64 4.15 -14.41
N THR A 78 -19.69 3.36 -14.59
CA THR A 78 -19.61 2.21 -15.45
C THR A 78 -20.98 1.77 -16.00
N ARG A 79 -21.29 2.25 -17.20
CA ARG A 79 -22.53 1.96 -17.90
C ARG A 79 -22.19 2.00 -19.38
N GLU A 80 -20.88 2.00 -19.65
CA GLU A 80 -20.37 2.03 -21.01
C GLU A 80 -18.93 2.48 -20.98
N GLU A 81 -18.05 1.61 -21.47
CA GLU A 81 -16.63 1.92 -21.50
C GLU A 81 -16.36 3.38 -21.87
N PRO A 82 -15.36 4.00 -21.23
CA PRO A 82 -14.51 3.36 -20.22
C PRO A 82 -15.25 3.13 -18.90
N ILE A 83 -14.62 2.39 -18.00
CA ILE A 83 -15.21 2.10 -16.70
C ILE A 83 -14.42 2.94 -15.71
N TYR A 84 -15.13 3.61 -14.80
CA TYR A 84 -14.48 4.46 -13.80
C TYR A 84 -14.63 4.08 -12.34
N ILE A 85 -13.67 4.53 -11.54
CA ILE A 85 -13.66 4.29 -10.10
C ILE A 85 -13.14 5.63 -9.53
N ILE A 86 -14.08 6.44 -9.07
CA ILE A 86 -13.79 7.76 -8.50
C ILE A 86 -13.51 7.71 -7.01
N THR A 87 -12.27 8.04 -6.63
CA THR A 87 -11.89 8.03 -5.23
C THR A 87 -11.14 9.29 -4.77
N GLU A 88 -10.82 9.31 -3.49
CA GLU A 88 -10.10 10.39 -2.84
C GLU A 88 -8.85 10.76 -3.65
N TYR A 89 -8.41 12.02 -3.55
CA TYR A 89 -7.22 12.46 -4.27
C TYR A 89 -6.12 12.74 -3.25
N MET A 90 -4.90 12.32 -3.54
CA MET A 90 -3.78 12.51 -2.64
C MET A 90 -2.60 13.26 -3.27
N ALA A 91 -2.84 14.50 -3.69
CA ALA A 91 -1.82 15.35 -4.33
C ALA A 91 -0.39 14.84 -4.27
N LYS A 92 0.09 14.50 -3.07
CA LYS A 92 1.46 13.99 -2.90
C LYS A 92 1.84 12.77 -3.71
N GLY A 93 0.90 11.83 -3.87
CA GLY A 93 1.17 10.62 -4.62
C GLY A 93 1.77 9.53 -3.73
N SER A 94 2.21 8.44 -4.37
CA SER A 94 2.82 7.31 -3.66
C SER A 94 3.85 7.75 -2.62
N LEU A 95 3.89 7.05 -1.48
CA LEU A 95 4.85 7.37 -0.40
C LEU A 95 6.28 7.11 -0.89
N LEU A 96 6.42 6.15 -1.79
CA LEU A 96 7.71 5.81 -2.34
C LEU A 96 8.31 7.01 -3.06
N ASP A 97 7.58 7.58 -4.01
CA ASP A 97 8.10 8.73 -4.74
C ASP A 97 8.33 9.91 -3.79
N PHE A 98 7.29 10.25 -3.02
CA PHE A 98 7.37 11.35 -2.08
C PHE A 98 8.70 11.42 -1.34
N LEU A 99 9.09 10.33 -0.68
CA LEU A 99 10.34 10.27 0.06
C LEU A 99 11.58 10.40 -0.82
N LYS A 100 11.40 10.25 -2.13
CA LYS A 100 12.52 10.35 -3.07
C LYS A 100 12.59 11.74 -3.66
N SER A 101 11.48 12.46 -3.58
CA SER A 101 11.38 13.82 -4.09
C SER A 101 12.24 14.75 -3.22
N ASP A 102 12.08 16.05 -3.43
CA ASP A 102 12.83 17.07 -2.69
C ASP A 102 12.47 17.10 -1.20
N GLU A 103 11.24 17.49 -0.87
CA GLU A 103 10.84 17.54 0.53
C GLU A 103 10.87 16.15 1.15
N GLY A 104 10.73 15.14 0.30
CA GLY A 104 10.76 13.77 0.79
C GLY A 104 11.93 13.56 1.73
N GLY A 105 13.13 13.53 1.18
CA GLY A 105 14.31 13.33 1.98
C GLY A 105 14.48 14.49 2.95
N LYS A 106 13.73 15.54 2.67
CA LYS A 106 13.75 16.75 3.49
C LYS A 106 13.38 16.40 4.94
N VAL A 107 12.25 15.73 5.15
CA VAL A 107 11.81 15.37 6.49
C VAL A 107 12.76 14.39 7.17
N LEU A 108 12.46 14.05 8.42
CA LEU A 108 13.28 13.13 9.20
C LEU A 108 12.42 12.20 10.04
N LEU A 109 13.06 11.22 10.67
CA LEU A 109 12.37 10.24 11.51
C LEU A 109 11.01 10.68 12.07
N PRO A 110 11.00 11.69 12.95
CA PRO A 110 9.71 12.11 13.48
C PRO A 110 8.51 11.85 12.55
N LYS A 111 8.56 12.39 11.35
CA LYS A 111 7.47 12.20 10.38
C LYS A 111 7.51 10.79 9.81
N LEU A 112 8.71 10.26 9.58
CA LEU A 112 8.89 8.91 9.05
C LEU A 112 8.27 7.91 10.00
N ILE A 113 8.70 7.97 11.26
CA ILE A 113 8.19 7.08 12.29
C ILE A 113 6.67 7.25 12.34
N ASP A 114 6.21 8.47 12.08
CA ASP A 114 4.79 8.80 12.10
C ASP A 114 4.04 8.10 10.97
N PHE A 115 4.76 7.73 9.91
CA PHE A 115 4.15 7.06 8.77
C PHE A 115 3.89 5.58 9.02
N SER A 116 4.94 4.81 9.26
CA SER A 116 4.74 3.39 9.51
C SER A 116 3.59 3.24 10.50
N ALA A 117 3.45 4.22 11.40
CA ALA A 117 2.39 4.20 12.40
C ALA A 117 1.00 4.18 11.75
N GLN A 118 0.77 5.09 10.81
CA GLN A 118 -0.51 5.17 10.10
C GLN A 118 -0.73 3.93 9.22
N ILE A 119 0.32 3.45 8.56
CA ILE A 119 0.16 2.26 7.72
C ILE A 119 -0.26 1.18 8.73
N ALA A 120 0.52 1.06 9.80
CA ALA A 120 0.26 0.08 10.85
C ALA A 120 -1.15 0.20 11.39
N GLU A 121 -1.66 1.42 11.44
CA GLU A 121 -3.01 1.67 11.96
C GLU A 121 -4.08 1.14 11.01
N GLY A 122 -4.10 1.66 9.79
CA GLY A 122 -5.08 1.22 8.80
C GLY A 122 -4.89 -0.25 8.52
N MET A 123 -3.66 -0.72 8.70
CA MET A 123 -3.35 -2.12 8.46
C MET A 123 -4.03 -2.93 9.57
N ALA A 124 -3.97 -2.42 10.79
CA ALA A 124 -4.57 -3.09 11.93
C ALA A 124 -6.07 -3.20 11.69
N TYR A 125 -6.57 -2.25 10.93
CA TYR A 125 -7.99 -2.20 10.60
C TYR A 125 -8.38 -3.47 9.84
N ILE A 126 -7.85 -3.61 8.62
CA ILE A 126 -8.08 -4.74 7.73
C ILE A 126 -7.85 -6.08 8.42
N GLU A 127 -6.95 -6.08 9.39
CA GLU A 127 -6.63 -7.28 10.14
C GLU A 127 -7.91 -7.70 10.88
N ARG A 128 -8.68 -6.70 11.32
CA ARG A 128 -9.94 -6.92 12.04
C ARG A 128 -11.01 -7.34 11.06
N LYS A 129 -11.18 -6.54 10.01
CA LYS A 129 -12.16 -6.82 8.98
C LYS A 129 -11.88 -8.18 8.36
N ASN A 130 -10.78 -8.79 8.81
CA ASN A 130 -10.35 -10.10 8.33
C ASN A 130 -10.07 -10.12 6.83
N TYR A 131 -9.11 -9.28 6.44
CA TYR A 131 -8.70 -9.17 5.05
C TYR A 131 -7.21 -9.22 4.93
N ILE A 132 -6.74 -9.13 3.70
CA ILE A 132 -5.32 -9.16 3.42
C ILE A 132 -5.11 -8.17 2.27
N HIS A 133 -4.01 -7.42 2.31
CA HIS A 133 -3.81 -6.48 1.23
C HIS A 133 -3.20 -7.25 0.06
N ARG A 134 -2.08 -7.91 0.34
CA ARG A 134 -1.34 -8.69 -0.65
C ARG A 134 -0.24 -7.91 -1.33
N ASP A 135 -0.41 -6.59 -1.41
CA ASP A 135 0.59 -5.72 -2.03
C ASP A 135 0.80 -4.52 -1.16
N LEU A 136 1.33 -4.73 -0.04
CA LEU A 136 1.54 -3.64 0.84
C LEU A 136 2.96 -3.14 0.76
N ARG A 137 3.19 -2.12 -0.04
CA ARG A 137 4.51 -1.56 -0.18
C ARG A 137 4.38 -0.08 -0.44
N ALA A 138 5.38 0.69 -0.03
CA ALA A 138 5.44 2.16 -0.19
C ALA A 138 4.81 2.72 -1.47
N ALA A 139 4.82 1.94 -2.55
CA ALA A 139 4.26 2.37 -3.82
C ALA A 139 2.73 2.40 -3.75
N ASN A 140 2.16 1.50 -2.96
CA ASN A 140 0.74 1.40 -2.79
C ASN A 140 0.20 2.32 -1.72
N VAL A 141 1.04 3.18 -1.17
CA VAL A 141 0.57 4.10 -0.13
C VAL A 141 0.67 5.54 -0.67
N LEU A 142 -0.48 6.20 -0.75
CA LEU A 142 -0.51 7.57 -1.24
C LEU A 142 -0.46 8.54 -0.06
N VAL A 143 0.07 9.73 -0.32
CA VAL A 143 0.19 10.77 0.70
C VAL A 143 -0.82 11.89 0.49
N SER A 144 -1.48 12.30 1.57
CA SER A 144 -2.49 13.35 1.54
C SER A 144 -1.83 14.70 1.33
N GLU A 145 -2.54 15.58 0.64
CA GLU A 145 -2.05 16.92 0.37
C GLU A 145 -1.53 17.59 1.63
N SER A 146 -1.73 16.92 2.78
CA SER A 146 -1.28 17.48 4.06
C SER A 146 -0.32 16.53 4.77
N LEU A 147 0.22 15.57 4.03
CA LEU A 147 1.17 14.60 4.56
C LEU A 147 0.56 13.52 5.44
N MET A 148 -0.67 13.12 5.11
CA MET A 148 -1.41 12.09 5.84
C MET A 148 -1.23 10.75 5.10
N CYS A 149 -1.09 9.65 5.83
CA CYS A 149 -0.91 8.33 5.19
C CYS A 149 -2.17 7.49 4.98
N LYS A 150 -2.44 7.14 3.73
CA LYS A 150 -3.60 6.33 3.39
C LYS A 150 -3.21 5.15 2.50
N ILE A 151 -3.72 3.96 2.82
CA ILE A 151 -3.42 2.76 2.05
C ILE A 151 -4.32 2.68 0.83
N ALA A 152 -3.71 2.68 -0.35
CA ALA A 152 -4.47 2.61 -1.58
C ALA A 152 -4.44 1.23 -2.23
N ASP A 153 -5.08 1.13 -3.38
CA ASP A 153 -5.14 -0.12 -4.12
C ASP A 153 -5.66 -1.28 -3.28
N PHE A 154 -6.33 -2.21 -3.95
CA PHE A 154 -6.90 -3.39 -3.31
C PHE A 154 -7.29 -4.37 -4.40
N GLY A 155 -6.41 -4.53 -5.38
CA GLY A 155 -6.68 -5.46 -6.45
C GLY A 155 -6.46 -6.88 -5.99
N LEU A 156 -5.40 -7.08 -5.21
CA LEU A 156 -5.04 -8.39 -4.69
C LEU A 156 -5.74 -8.73 -3.38
N ALA A 157 -6.41 -7.74 -2.79
CA ALA A 157 -7.12 -7.92 -1.53
C ALA A 157 -8.11 -9.08 -1.50
N ARG A 158 -8.01 -9.90 -0.46
CA ARG A 158 -8.88 -11.07 -0.27
C ARG A 158 -9.16 -11.28 1.21
N VAL A 159 -10.08 -12.19 1.52
CA VAL A 159 -10.45 -12.49 2.91
C VAL A 159 -9.49 -13.49 3.54
N GLU A 169 -7.42 -17.05 -7.27
CA GLU A 169 -6.40 -17.38 -8.27
C GLU A 169 -5.26 -16.38 -8.33
N GLY A 170 -4.64 -16.09 -7.18
CA GLY A 170 -3.39 -15.36 -7.16
C GLY A 170 -3.31 -13.89 -6.99
N ALA A 171 -2.69 -13.46 -5.91
CA ALA A 171 -2.37 -12.05 -5.65
C ALA A 171 -1.09 -12.24 -4.83
N LYS A 172 0.05 -11.96 -5.45
CA LYS A 172 1.33 -12.15 -4.79
C LYS A 172 2.42 -11.29 -5.36
N PHE A 173 2.36 -11.12 -6.67
CA PHE A 173 3.33 -10.32 -7.40
C PHE A 173 4.48 -9.73 -6.59
N PRO A 174 4.21 -8.78 -5.69
CA PRO A 174 5.31 -8.21 -4.91
C PRO A 174 6.24 -9.25 -4.29
N ILE A 175 7.17 -9.77 -5.08
CA ILE A 175 8.13 -10.77 -4.63
C ILE A 175 8.88 -10.31 -3.39
N LYS A 176 9.68 -9.26 -3.56
CA LYS A 176 10.47 -8.68 -2.49
C LYS A 176 9.63 -8.02 -1.41
N TRP A 177 8.52 -8.65 -1.06
CA TRP A 177 7.60 -8.16 -0.03
C TRP A 177 6.77 -9.32 0.46
N THR A 178 6.48 -10.28 -0.41
CA THR A 178 5.69 -11.44 -0.03
C THR A 178 6.51 -12.30 0.93
N ALA A 179 5.83 -13.06 1.79
CA ALA A 179 6.54 -13.90 2.76
C ALA A 179 6.87 -15.30 2.27
N PRO A 180 7.98 -15.85 2.77
CA PRO A 180 8.40 -17.19 2.37
C PRO A 180 7.24 -18.20 2.32
N GLU A 181 6.33 -18.13 3.28
CA GLU A 181 5.23 -19.08 3.29
C GLU A 181 4.30 -18.97 2.09
N ALA A 182 3.78 -17.77 1.86
CA ALA A 182 2.87 -17.51 0.75
C ALA A 182 3.56 -17.67 -0.60
N ILE A 183 4.88 -17.59 -0.61
CA ILE A 183 5.63 -17.75 -1.85
C ILE A 183 6.01 -19.22 -1.99
N ASN A 184 6.41 -19.83 -0.88
CA ASN A 184 6.80 -21.23 -0.84
C ASN A 184 5.62 -22.18 -0.93
N PHE A 185 4.64 -22.00 -0.05
CA PHE A 185 3.46 -22.86 -0.03
C PHE A 185 2.13 -22.19 -0.38
N GLY A 186 2.17 -20.92 -0.76
CA GLY A 186 0.95 -20.22 -1.12
C GLY A 186 0.06 -19.89 0.06
N CYS A 187 0.69 -19.67 1.22
CA CYS A 187 -0.03 -19.35 2.43
C CYS A 187 -0.12 -17.86 2.74
N PHE A 188 -0.97 -17.13 2.02
CA PHE A 188 -1.11 -15.69 2.25
C PHE A 188 -2.09 -15.48 3.41
N THR A 189 -1.65 -14.70 4.40
CA THR A 189 -2.49 -14.43 5.56
C THR A 189 -2.14 -13.08 6.16
N ILE A 190 -2.90 -12.66 7.17
CA ILE A 190 -2.61 -11.38 7.79
C ILE A 190 -1.11 -11.39 8.08
N LYS A 191 -0.58 -12.56 8.40
CA LYS A 191 0.85 -12.70 8.70
C LYS A 191 1.72 -12.40 7.48
N SER A 192 1.15 -12.55 6.29
CA SER A 192 1.89 -12.28 5.06
C SER A 192 2.14 -10.78 5.05
N ASP A 193 1.09 -10.00 5.33
CA ASP A 193 1.19 -8.56 5.35
C ASP A 193 2.06 -8.08 6.49
N VAL A 194 2.13 -8.83 7.58
CA VAL A 194 2.96 -8.38 8.69
C VAL A 194 4.38 -8.36 8.12
N TRP A 195 4.77 -9.50 7.53
CA TRP A 195 6.08 -9.65 6.93
C TRP A 195 6.34 -8.44 6.05
N SER A 196 5.34 -8.08 5.25
CA SER A 196 5.43 -6.93 4.35
C SER A 196 5.66 -5.58 5.02
N PHE A 197 5.22 -5.43 6.27
CA PHE A 197 5.38 -4.17 7.00
C PHE A 197 6.86 -3.93 7.32
N GLY A 198 7.62 -5.01 7.49
CA GLY A 198 9.03 -4.85 7.76
C GLY A 198 9.71 -4.34 6.51
N ILE A 199 9.43 -4.98 5.39
CA ILE A 199 10.02 -4.57 4.11
C ILE A 199 9.61 -3.14 3.82
N LEU A 200 8.40 -2.77 4.21
CA LEU A 200 7.91 -1.41 4.00
C LEU A 200 8.66 -0.44 4.93
N LEU A 201 8.87 -0.85 6.19
CA LEU A 201 9.57 -0.02 7.18
C LEU A 201 10.93 0.28 6.64
N TYR A 202 11.60 -0.77 6.19
CA TYR A 202 12.94 -0.66 5.62
C TYR A 202 12.93 0.34 4.45
N GLU A 203 11.79 0.38 3.75
CA GLU A 203 11.59 1.24 2.60
C GLU A 203 11.59 2.74 2.90
N ILE A 204 11.40 3.14 4.15
CA ILE A 204 11.38 4.56 4.46
C ILE A 204 12.66 5.07 5.14
N VAL A 205 13.22 4.27 6.04
CA VAL A 205 14.42 4.69 6.73
C VAL A 205 15.57 4.89 5.75
N THR A 206 15.54 4.15 4.63
CA THR A 206 16.58 4.27 3.61
C THR A 206 16.15 5.36 2.63
N TYR A 207 14.89 5.76 2.76
CA TYR A 207 14.31 6.78 1.90
C TYR A 207 14.00 6.31 0.49
N GLY A 208 13.34 5.16 0.38
CA GLY A 208 12.95 4.66 -0.93
C GLY A 208 13.84 3.70 -1.67
N LYS A 209 14.68 2.97 -0.96
CA LYS A 209 15.54 2.03 -1.65
C LYS A 209 14.79 0.72 -1.84
N ILE A 210 15.14 -0.02 -2.88
CA ILE A 210 14.48 -1.29 -3.18
C ILE A 210 14.98 -2.41 -2.27
N PRO A 211 14.07 -3.13 -1.61
CA PRO A 211 14.44 -4.23 -0.73
C PRO A 211 15.45 -5.18 -1.39
N TYR A 212 16.53 -5.49 -0.68
CA TYR A 212 17.58 -6.37 -1.17
C TYR A 212 18.08 -5.82 -2.50
N PRO A 213 18.83 -4.71 -2.45
CA PRO A 213 19.36 -4.13 -3.70
C PRO A 213 20.39 -5.05 -4.34
N GLY A 214 20.69 -4.80 -5.61
CA GLY A 214 21.66 -5.64 -6.28
C GLY A 214 21.13 -7.00 -6.69
N ARG A 215 20.20 -7.53 -5.91
CA ARG A 215 19.61 -8.83 -6.23
C ARG A 215 18.44 -8.65 -7.19
N THR A 216 17.93 -9.77 -7.67
CA THR A 216 16.81 -9.78 -8.60
C THR A 216 15.71 -10.58 -7.92
N ASN A 217 14.48 -10.06 -7.95
CA ASN A 217 13.37 -10.76 -7.32
C ASN A 217 13.34 -12.23 -7.71
N ALA A 218 14.22 -12.59 -8.63
CA ALA A 218 14.32 -13.98 -9.09
C ALA A 218 15.25 -14.73 -8.15
N ASP A 219 16.33 -14.07 -7.74
CA ASP A 219 17.31 -14.66 -6.84
C ASP A 219 16.88 -14.38 -5.40
N VAL A 220 15.63 -13.98 -5.22
CA VAL A 220 15.11 -13.69 -3.89
C VAL A 220 14.44 -14.94 -3.35
N MET A 221 13.73 -15.65 -4.24
CA MET A 221 13.03 -16.88 -3.87
C MET A 221 14.01 -17.67 -3.01
N THR A 222 15.22 -17.84 -3.57
CA THR A 222 16.30 -18.56 -2.91
C THR A 222 16.56 -18.01 -1.52
N ALA A 223 17.46 -17.04 -1.44
CA ALA A 223 17.83 -16.41 -0.18
C ALA A 223 16.98 -16.89 0.98
N LEU A 224 15.68 -16.64 0.88
CA LEU A 224 14.73 -17.04 1.92
C LEU A 224 14.99 -18.48 2.34
N SER A 225 14.78 -19.41 1.42
CA SER A 225 14.99 -20.82 1.69
C SER A 225 16.14 -20.98 2.67
N GLN A 226 17.18 -20.18 2.48
CA GLN A 226 18.36 -20.21 3.34
C GLN A 226 18.33 -19.26 4.52
N GLY A 227 17.13 -18.90 4.97
CA GLY A 227 17.00 -18.00 6.10
C GLY A 227 17.74 -16.68 5.94
N TYR A 228 17.64 -16.09 4.75
CA TYR A 228 18.31 -14.83 4.49
C TYR A 228 17.46 -13.60 4.86
N ARG A 229 18.07 -12.64 5.54
CA ARG A 229 17.39 -11.42 5.95
C ARG A 229 18.36 -10.26 5.76
N MET A 230 17.84 -9.07 5.49
CA MET A 230 18.70 -7.91 5.30
C MET A 230 19.24 -7.44 6.64
N PRO A 231 20.50 -6.97 6.66
CA PRO A 231 21.10 -6.50 7.91
C PRO A 231 20.41 -5.22 8.36
N ARG A 232 20.59 -4.86 9.63
CA ARG A 232 19.96 -3.64 10.13
C ARG A 232 20.39 -2.54 9.16
N VAL A 233 19.63 -1.45 9.11
CA VAL A 233 19.98 -0.38 8.21
C VAL A 233 21.08 0.50 8.79
N GLU A 234 21.95 0.99 7.91
CA GLU A 234 23.07 1.86 8.28
C GLU A 234 22.59 3.14 8.94
N ASN A 235 22.18 3.05 10.20
CA ASN A 235 21.69 4.21 10.95
C ASN A 235 20.45 3.88 11.78
N CYS A 236 19.32 3.73 11.10
CA CYS A 236 18.06 3.42 11.77
C CYS A 236 18.31 2.77 13.13
N PRO A 237 17.73 3.34 14.20
CA PRO A 237 17.88 2.82 15.56
C PRO A 237 17.37 1.39 15.68
N ASP A 238 18.09 0.58 16.44
CA ASP A 238 17.70 -0.81 16.63
C ASP A 238 16.18 -0.86 16.73
N GLU A 239 15.62 0.09 17.49
CA GLU A 239 14.18 0.20 17.69
C GLU A 239 13.46 -0.40 16.48
N LEU A 240 13.33 0.40 15.44
CA LEU A 240 12.66 -0.04 14.21
C LEU A 240 13.31 -1.30 13.66
N TYR A 241 14.64 -1.40 13.73
CA TYR A 241 15.28 -2.59 13.20
C TYR A 241 14.81 -3.84 13.91
N ASP A 242 14.67 -3.77 15.23
CA ASP A 242 14.22 -4.94 15.94
C ASP A 242 12.72 -4.99 15.79
N ILE A 243 12.11 -3.82 15.73
CA ILE A 243 10.66 -3.74 15.58
C ILE A 243 10.50 -3.90 14.08
N MET A 244 11.47 -4.60 13.50
CA MET A 244 11.51 -4.87 12.07
C MET A 244 11.75 -6.38 11.96
N LYS A 245 12.57 -6.91 12.86
CA LYS A 245 12.89 -8.33 12.87
C LYS A 245 11.66 -9.08 13.37
N MET A 246 10.76 -8.33 14.00
CA MET A 246 9.52 -8.89 14.54
C MET A 246 8.78 -9.49 13.35
N CYS A 247 8.55 -8.63 12.37
CA CYS A 247 7.86 -8.93 11.14
C CYS A 247 8.48 -10.03 10.28
N TRP A 248 9.78 -10.20 10.37
CA TRP A 248 10.45 -11.23 9.58
C TRP A 248 10.60 -12.60 10.24
N LYS A 249 9.88 -12.84 11.32
CA LYS A 249 9.97 -14.13 12.00
C LYS A 249 9.46 -15.24 11.08
N GLU A 250 10.35 -15.91 10.37
CA GLU A 250 9.96 -16.99 9.46
C GLU A 250 8.67 -17.64 9.94
N LYS A 251 8.64 -17.98 11.22
CA LYS A 251 7.46 -18.61 11.82
C LYS A 251 6.34 -17.59 11.76
N ALA A 252 5.52 -17.64 10.73
CA ALA A 252 4.42 -16.70 10.58
C ALA A 252 3.88 -16.23 11.93
N GLU A 253 3.78 -17.16 12.87
CA GLU A 253 3.28 -16.85 14.21
C GLU A 253 4.12 -15.80 14.92
N GLU A 254 5.36 -16.17 15.26
CA GLU A 254 6.27 -15.26 15.95
C GLU A 254 6.05 -13.80 15.58
N ARG A 255 5.45 -13.57 14.40
CA ARG A 255 5.19 -12.22 13.95
C ARG A 255 4.08 -11.50 14.69
N PRO A 256 4.34 -10.26 15.10
CA PRO A 256 3.36 -9.46 15.83
C PRO A 256 2.10 -9.30 15.03
N THR A 257 1.15 -8.60 15.62
CA THR A 257 -0.13 -8.33 15.00
C THR A 257 0.03 -6.83 14.76
N PHE A 258 -0.76 -6.24 13.88
CA PHE A 258 -0.58 -4.82 13.66
C PHE A 258 -0.76 -3.98 14.92
N ASP A 259 -1.94 -4.06 15.54
CA ASP A 259 -2.17 -3.28 16.76
C ASP A 259 -0.88 -3.15 17.52
N TYR A 260 -0.23 -4.28 17.81
CA TYR A 260 1.03 -4.24 18.53
C TYR A 260 1.97 -3.27 17.81
N LEU A 261 2.33 -3.60 16.58
CA LEU A 261 3.21 -2.73 15.82
C LEU A 261 2.60 -1.34 15.99
N GLN A 262 1.40 -1.17 15.44
CA GLN A 262 0.69 0.09 15.51
C GLN A 262 1.02 0.77 16.81
N SER A 263 0.71 0.06 17.90
CA SER A 263 0.95 0.54 19.26
C SER A 263 2.39 0.83 19.60
N VAL A 264 3.27 -0.13 19.36
CA VAL A 264 4.69 0.04 19.65
C VAL A 264 5.31 1.13 18.79
N LEU A 265 4.66 1.43 17.66
CA LEU A 265 5.14 2.46 16.76
C LEU A 265 4.76 3.82 17.31
N ASP A 266 4.01 3.82 18.41
CA ASP A 266 3.59 5.06 19.04
C ASP A 266 4.48 5.34 20.23
N ASP A 267 4.64 4.32 21.07
CA ASP A 267 5.47 4.40 22.28
C ASP A 267 6.90 4.72 21.91
N PHE A 268 7.56 3.77 21.26
CA PHE A 268 8.93 3.94 20.85
C PHE A 268 9.03 5.09 19.86
N TYR A 269 7.91 5.78 19.66
CA TYR A 269 7.86 6.91 18.75
C TYR A 269 8.23 8.20 19.49
N THR A 270 7.29 8.70 20.29
CA THR A 270 7.52 9.94 21.05
C THR A 270 8.99 10.05 21.48
N ALA A 271 9.60 8.92 21.84
CA ALA A 271 10.99 8.93 22.27
C ALA A 271 11.74 9.81 21.27
N THR A 272 11.25 9.80 20.04
CA THR A 272 11.83 10.57 18.96
C THR A 272 11.32 12.00 19.02
N GLU A 273 10.04 12.16 19.37
CA GLU A 273 9.44 13.48 19.46
C GLU A 273 7.95 13.43 19.83
O4 STU B . -1.06 5.93 -9.93
C25 STU B . -0.30 6.98 -9.30
C24 STU B . 0.91 6.49 -8.49
C23 STU B . 0.91 4.98 -8.36
C22 STU B . -0.52 4.78 -7.93
C21 STU B . -1.44 4.85 -9.11
C26 STU B . -1.23 3.63 -9.92
N2 STU B . -2.81 4.87 -8.56
C18 STU B . -3.07 6.10 -7.91
C19 STU B . -2.36 7.39 -7.90
C6 STU B . -2.93 8.50 -7.21
C7 STU B . -4.20 8.42 -6.55
C10 STU B . -4.90 7.21 -6.55
C11 STU B . -4.31 6.10 -7.24
C12 STU B . -4.81 4.77 -7.31
C17 STU B . -3.87 4.14 -8.15
C16 STU B . -4.04 2.79 -8.41
C15 STU B . -5.17 2.11 -7.88
C14 STU B . -6.12 2.78 -7.08
C13 STU B . -5.94 4.14 -6.79
C9 STU B . -6.17 7.47 -5.73
N1 STU B . -6.02 8.87 -5.31
C8 STU B . -4.89 9.42 -5.86
O5 STU B . -4.60 10.60 -5.81
C5 STU B . -2.03 9.59 -7.34
C20 STU B . -0.99 9.06 -8.15
C1 STU B . 0.11 9.87 -8.53
C2 STU B . 0.16 11.22 -8.09
C3 STU B . -0.86 11.73 -7.27
C4 STU B . -1.98 10.92 -6.90
N3 STU B . -1.20 7.79 -8.45
O6 STU B . -0.95 5.05 -6.82
C27 STU B . -0.91 4.26 -5.60
N4 STU B . 1.88 4.60 -7.35
C28 STU B . 2.93 3.85 -8.02
#